data_4UFQ
#
_entry.id   4UFQ
#
_cell.length_a   66.884
_cell.length_b   66.884
_cell.length_c   483.942
_cell.angle_alpha   90.00
_cell.angle_beta   90.00
_cell.angle_gamma   120.00
#
_symmetry.space_group_name_H-M   'H 3 2'
#
loop_
_entity.id
_entity.type
_entity.pdbx_description
1 polymer Hyaluronidase
2 non-polymer 'SULFATE ION'
3 non-polymer 'SODIUM ION'
4 non-polymer 'CHLORIDE ION'
5 non-polymer DI(HYDROXYETHYL)ETHER
6 non-polymer GLYCEROL
7 water water
#
_entity_poly.entity_id   1
_entity_poly.type   'polypeptide(L)'
_entity_poly.pdbx_seq_one_letter_code
;AGENGATTTFDGPVAAERFSADTTLEAAFLKTTSETNHAATIYQAGTSGDGAALNVISDNPGTSA(MSE)YLSGTETARG
TLKITHRGYADGSDKDAAALSLDLRVAGTAAQGIYVTATNGPTKGNLIALRNNTGLDDFVVKGTGRIGVGIDRAATPRAQ
VHIVQRGDALAALLVEGSVRIGNAATVPTSVDSSGGGALYASGGALLWRGSNGTVTTIAPA
;
_entity_poly.pdbx_strand_id   A,B
#
loop_
_chem_comp.id
_chem_comp.type
_chem_comp.name
_chem_comp.formula
CL non-polymer 'CHLORIDE ION' 'Cl -1'
GOL non-polymer GLYCEROL 'C3 H8 O3'
NA non-polymer 'SODIUM ION' 'Na 1'
PEG non-polymer DI(HYDROXYETHYL)ETHER 'C4 H10 O3'
SO4 non-polymer 'SULFATE ION' 'O4 S -2'
#
# COMPACT_ATOMS: atom_id res chain seq x y z
N ALA A 6 12.05 5.56 5.73
CA ALA A 6 12.05 4.81 4.48
C ALA A 6 10.77 5.09 3.68
N THR A 7 10.93 5.69 2.51
CA THR A 7 9.78 6.07 1.69
C THR A 7 9.22 4.90 0.87
N THR A 8 7.90 4.88 0.76
CA THR A 8 7.19 3.99 -0.14
C THR A 8 6.61 4.83 -1.27
N THR A 9 6.85 4.39 -2.50
CA THR A 9 6.44 5.15 -3.68
C THR A 9 5.47 4.37 -4.54
N PHE A 10 4.25 4.89 -4.66
CA PHE A 10 3.23 4.35 -5.53
C PHE A 10 3.25 5.09 -6.87
N ASP A 11 3.25 4.37 -7.95
CA ASP A 11 3.35 5.04 -9.21
C ASP A 11 1.99 5.51 -9.68
N GLY A 12 0.95 5.03 -9.04
CA GLY A 12 -0.41 5.38 -9.40
C GLY A 12 -1.16 5.99 -8.22
N PRO A 13 -2.46 6.20 -8.39
CA PRO A 13 -3.31 6.68 -7.28
C PRO A 13 -3.41 5.69 -6.14
N VAL A 14 -3.69 6.21 -4.95
CA VAL A 14 -3.96 5.41 -3.76
C VAL A 14 -5.35 5.81 -3.23
N ALA A 15 -6.20 4.82 -3.07
CA ALA A 15 -7.50 5.00 -2.44
C ALA A 15 -7.53 4.30 -1.10
N ALA A 16 -8.12 4.94 -0.10
CA ALA A 16 -8.19 4.31 1.22
C ALA A 16 -9.42 4.75 1.96
N GLU A 17 -9.69 4.13 3.11
CA GLU A 17 -10.83 4.56 3.93
C GLU A 17 -10.55 5.85 4.71
N ARG A 18 -9.28 6.18 4.88
CA ARG A 18 -8.87 7.32 5.68
CA ARG A 18 -8.87 7.34 5.68
C ARG A 18 -7.36 7.43 5.58
N PHE A 19 -6.83 8.64 5.66
CA PHE A 19 -5.40 8.89 5.68
C PHE A 19 -5.07 9.62 6.95
N SER A 20 -4.13 9.12 7.73
CA SER A 20 -3.70 9.83 8.93
CA SER A 20 -3.71 9.77 8.96
C SER A 20 -2.20 9.87 9.07
N ALA A 21 -1.73 10.99 9.61
CA ALA A 21 -0.32 11.17 9.93
C ALA A 21 -0.26 11.95 11.22
N ASP A 22 0.63 11.54 12.10
CA ASP A 22 0.90 12.20 13.37
C ASP A 22 2.40 12.20 13.48
N THR A 23 3.02 13.30 13.09
CA THR A 23 4.41 13.30 12.67
C THR A 23 5.18 14.58 13.06
N THR A 24 6.51 14.53 12.95
CA THR A 24 7.35 15.73 13.06
C THR A 24 7.71 16.31 11.69
N LEU A 25 7.44 15.55 10.62
CA LEU A 25 7.57 16.05 9.26
C LEU A 25 6.36 16.91 8.91
N GLU A 26 6.38 17.58 7.77
CA GLU A 26 5.15 18.12 7.20
C GLU A 26 4.26 16.93 6.85
N ALA A 27 3.04 16.90 7.37
CA ALA A 27 2.17 15.75 7.22
C ALA A 27 1.68 15.54 5.78
N ALA A 28 1.48 16.62 5.04
CA ALA A 28 1.06 16.48 3.65
C ALA A 28 1.65 17.55 2.76
N PHE A 29 2.10 17.13 1.59
CA PHE A 29 2.51 18.04 0.53
C PHE A 29 1.76 17.59 -0.72
N LEU A 30 0.81 18.40 -1.17
CA LEU A 30 -0.10 18.04 -2.25
C LEU A 30 0.03 19.08 -3.36
N LYS A 31 0.74 18.72 -4.41
CA LYS A 31 1.05 19.61 -5.52
C LYS A 31 0.50 19.07 -6.81
N THR A 32 -0.34 19.87 -7.47
CA THR A 32 -0.87 19.58 -8.80
C THR A 32 -0.36 20.62 -9.77
N THR A 33 0.02 20.21 -10.97
CA THR A 33 0.29 21.13 -12.06
C THR A 33 -0.70 20.78 -13.17
N SER A 34 -1.75 21.57 -13.32
CA SER A 34 -2.83 21.24 -14.23
C SER A 34 -3.59 22.50 -14.68
N GLU A 35 -4.12 22.44 -15.90
CA GLU A 35 -5.03 23.49 -16.36
C GLU A 35 -6.49 23.11 -16.14
N THR A 36 -6.76 21.91 -15.58
CA THR A 36 -8.13 21.40 -15.46
C THR A 36 -8.49 20.85 -14.09
N ASN A 37 -7.49 20.47 -13.31
CA ASN A 37 -7.72 19.80 -12.02
C ASN A 37 -7.32 20.74 -10.88
N HIS A 38 -8.10 20.73 -9.81
CA HIS A 38 -7.72 21.39 -8.56
C HIS A 38 -6.59 20.59 -7.95
N ALA A 39 -5.83 21.18 -7.03
CA ALA A 39 -4.88 20.39 -6.26
C ALA A 39 -5.54 19.49 -5.20
N ALA A 40 -6.60 19.99 -4.57
CA ALA A 40 -7.29 19.22 -3.55
C ALA A 40 -8.72 19.63 -3.46
N THR A 41 -9.58 18.63 -3.31
CA THR A 41 -10.98 18.84 -2.97
C THR A 41 -11.28 18.14 -1.66
N ILE A 42 -11.94 18.87 -0.76
CA ILE A 42 -12.35 18.35 0.54
C ILE A 42 -13.86 18.58 0.65
N TYR A 43 -14.61 17.50 0.88
CA TYR A 43 -16.07 17.51 0.71
C TYR A 43 -16.77 16.81 1.87
N GLN A 44 -17.57 17.55 2.64
CA GLN A 44 -18.51 16.97 3.61
C GLN A 44 -19.86 16.79 2.92
N ALA A 45 -20.29 15.56 2.74
CA ALA A 45 -21.54 15.28 2.05
C ALA A 45 -22.66 14.87 3.03
N GLY A 46 -22.35 14.86 4.33
CA GLY A 46 -23.38 14.70 5.35
C GLY A 46 -24.36 15.85 5.31
N THR A 47 -25.59 15.58 5.75
CA THR A 47 -26.72 16.50 5.54
C THR A 47 -27.29 17.05 6.84
N SER A 48 -26.59 16.80 7.95
CA SER A 48 -27.00 17.27 9.27
C SER A 48 -25.81 17.01 10.19
N GLY A 49 -25.88 17.49 11.41
CA GLY A 49 -24.92 17.08 12.42
C GLY A 49 -23.77 18.02 12.59
N ASP A 50 -22.66 17.49 13.13
N ASP A 50 -22.65 17.47 13.07
CA ASP A 50 -21.57 18.35 13.61
CA ASP A 50 -21.57 18.28 13.61
C ASP A 50 -20.30 18.32 12.76
C ASP A 50 -20.29 18.27 12.78
N GLY A 51 -20.35 17.72 11.57
CA GLY A 51 -19.18 17.63 10.72
C GLY A 51 -18.98 18.83 9.82
N ALA A 52 -17.80 19.43 9.89
CA ALA A 52 -17.34 20.39 8.91
C ALA A 52 -16.73 19.66 7.73
N ALA A 53 -16.44 20.41 6.67
CA ALA A 53 -15.58 19.88 5.63
C ALA A 53 -14.12 19.92 6.09
N LEU A 54 -13.68 21.08 6.58
CA LEU A 54 -12.28 21.27 6.95
C LEU A 54 -12.13 21.94 8.28
N ASN A 55 -11.33 21.35 9.15
CA ASN A 55 -11.07 21.83 10.49
C ASN A 55 -9.58 22.04 10.66
N VAL A 56 -9.16 23.30 10.78
CA VAL A 56 -7.75 23.66 10.82
C VAL A 56 -7.43 24.31 12.15
N ILE A 57 -6.39 23.83 12.82
CA ILE A 57 -6.04 24.28 14.17
CA ILE A 57 -6.04 24.40 14.11
C ILE A 57 -4.53 24.44 14.28
N SER A 58 -4.07 25.52 14.90
CA SER A 58 -2.65 25.67 15.29
C SER A 58 -2.51 26.06 16.75
N ASP A 59 -1.47 25.54 17.37
CA ASP A 59 -1.05 25.89 18.73
C ASP A 59 0.17 26.79 18.72
N ASN A 60 0.61 27.21 17.53
CA ASN A 60 1.85 27.97 17.39
C ASN A 60 1.59 29.49 17.38
N PRO A 61 2.00 30.20 18.44
CA PRO A 61 1.79 31.66 18.48
C PRO A 61 2.69 32.44 17.51
N GLY A 62 3.70 31.81 16.91
CA GLY A 62 4.68 32.53 16.11
C GLY A 62 4.40 32.72 14.63
N THR A 63 3.38 32.05 14.11
CA THR A 63 3.10 32.00 12.66
C THR A 63 1.59 31.95 12.48
N SER A 64 1.07 32.60 11.45
CA SER A 64 -0.32 32.41 11.06
C SER A 64 -0.71 30.93 10.98
N ALA A 65 -1.89 30.60 11.49
CA ALA A 65 -2.39 29.24 11.39
C ALA A 65 -2.57 28.82 9.94
N MSE A 66 -2.98 29.77 9.12
CA MSE A 66 -3.20 29.51 7.69
C MSE A 66 -2.68 30.64 6.83
O MSE A 66 -2.96 31.83 7.11
CB MSE A 66 -4.66 29.24 7.39
CG MSE A 66 -4.94 28.90 5.99
SE MSE A 66 -6.76 28.27 5.90
CE MSE A 66 -6.83 28.13 4.05
H MSE A 66 -3.15 30.59 9.35
HA MSE A 66 -2.72 28.70 7.46
HB2 MSE A 66 -4.97 28.50 7.94
HB3 MSE A 66 -5.18 30.04 7.61
HG2 MSE A 66 -4.86 29.69 5.43
HG3 MSE A 66 -4.36 28.20 5.68
HE1 MSE A 66 -6.14 27.51 3.76
HE2 MSE A 66 -7.70 27.81 3.79
HE3 MSE A 66 -6.66 29.01 3.66
N TYR A 67 -1.97 30.27 5.76
N TYR A 67 -1.92 30.25 5.79
CA TYR A 67 -1.53 31.19 4.72
CA TYR A 67 -1.53 31.13 4.70
C TYR A 67 -2.16 30.79 3.39
C TYR A 67 -2.35 30.77 3.45
N LEU A 68 -2.69 31.78 2.68
CA LEU A 68 -3.27 31.60 1.35
C LEU A 68 -2.66 32.65 0.43
N SER A 69 -2.14 32.22 -0.71
CA SER A 69 -1.52 33.12 -1.68
C SER A 69 -1.94 32.77 -3.09
N GLY A 70 -2.51 33.75 -3.79
CA GLY A 70 -2.93 33.55 -5.16
C GLY A 70 -2.51 34.73 -6.01
N THR A 71 -2.76 34.63 -7.30
CA THR A 71 -2.31 35.67 -8.25
C THR A 71 -3.38 35.87 -9.34
N GLU A 72 -4.62 35.98 -8.89
CA GLU A 72 -5.75 36.07 -9.80
C GLU A 72 -5.82 37.41 -10.53
N THR A 73 -6.22 37.37 -11.80
CA THR A 73 -6.44 38.62 -12.54
C THR A 73 -7.89 39.14 -12.43
N ALA A 74 -8.86 38.27 -12.19
CA ALA A 74 -10.25 38.69 -12.20
C ALA A 74 -11.18 37.93 -11.25
N ARG A 75 -10.59 37.37 -10.19
N ARG A 75 -10.62 37.37 -10.19
CA ARG A 75 -11.30 36.54 -9.23
CA ARG A 75 -11.41 36.63 -9.21
C ARG A 75 -10.81 36.85 -7.81
C ARG A 75 -10.81 36.83 -7.81
N GLY A 76 -11.54 36.37 -6.81
CA GLY A 76 -11.10 36.45 -5.44
C GLY A 76 -10.06 35.39 -5.10
N THR A 77 -9.05 35.74 -4.31
CA THR A 77 -8.06 34.73 -3.88
C THR A 77 -8.73 33.65 -3.04
N LEU A 78 -9.55 34.09 -2.08
CA LEU A 78 -10.51 33.23 -1.40
C LEU A 78 -11.90 33.64 -1.82
N LYS A 79 -12.65 32.72 -2.42
CA LYS A 79 -14.05 32.94 -2.81
C LYS A 79 -14.92 32.05 -1.92
N ILE A 80 -15.77 32.71 -1.12
CA ILE A 80 -16.69 32.03 -0.23
C ILE A 80 -18.11 32.20 -0.74
N THR A 81 -18.80 31.08 -0.92
CA THR A 81 -20.21 31.06 -1.31
C THR A 81 -21.01 30.47 -0.16
N HIS A 82 -22.07 31.17 0.24
CA HIS A 82 -23.07 30.63 1.12
C HIS A 82 -24.33 30.32 0.31
N ARG A 83 -24.70 29.04 0.24
CA ARG A 83 -25.89 28.62 -0.47
C ARG A 83 -27.04 28.72 0.51
N GLY A 84 -27.82 29.78 0.36
CA GLY A 84 -28.86 30.12 1.32
C GLY A 84 -30.21 29.51 1.11
N TYR A 85 -31.19 30.06 1.82
CA TYR A 85 -32.53 29.48 1.89
C TYR A 85 -33.56 30.53 1.55
N ALA A 86 -34.45 30.17 0.63
CA ALA A 86 -35.39 31.09 0.03
C ALA A 86 -36.42 31.58 1.04
N ASP A 87 -36.63 30.84 2.13
CA ASP A 87 -37.57 31.28 3.15
C ASP A 87 -36.92 32.17 4.22
N GLY A 88 -35.67 32.56 4.00
CA GLY A 88 -35.01 33.45 4.92
C GLY A 88 -34.68 32.81 6.25
N SER A 89 -34.64 31.48 6.31
CA SER A 89 -34.40 30.80 7.59
C SER A 89 -32.95 30.78 8.02
N ASP A 90 -32.08 31.37 7.20
CA ASP A 90 -30.65 31.45 7.47
C ASP A 90 -30.28 32.84 8.02
N LYS A 91 -31.18 33.47 8.76
CA LYS A 91 -30.92 34.81 9.27
C LYS A 91 -29.76 34.88 10.25
N ASP A 92 -29.43 33.77 10.92
CA ASP A 92 -28.30 33.73 11.84
C ASP A 92 -27.01 33.17 11.21
N ALA A 93 -27.03 32.90 9.91
CA ALA A 93 -25.83 32.44 9.21
C ALA A 93 -25.04 33.62 8.66
N ALA A 94 -23.81 33.36 8.23
CA ALA A 94 -22.95 34.38 7.62
C ALA A 94 -21.99 33.67 6.69
N ALA A 95 -21.45 34.38 5.71
CA ALA A 95 -20.37 33.80 4.93
C ALA A 95 -19.06 33.72 5.73
N LEU A 96 -18.82 34.74 6.57
CA LEU A 96 -17.56 34.84 7.33
C LEU A 96 -17.91 35.29 8.73
N SER A 97 -17.48 34.52 9.72
CA SER A 97 -17.66 34.82 11.14
C SER A 97 -16.32 34.78 11.86
N LEU A 98 -15.97 35.87 12.56
CA LEU A 98 -14.69 35.99 13.26
C LEU A 98 -14.98 36.16 14.74
N ASP A 99 -14.27 35.41 15.59
CA ASP A 99 -14.42 35.53 17.04
C ASP A 99 -13.06 35.75 17.69
N LEU A 100 -12.92 36.88 18.36
CA LEU A 100 -11.69 37.24 19.06
C LEU A 100 -11.86 36.84 20.50
N ARG A 101 -11.31 35.69 20.85
CA ARG A 101 -11.51 35.12 22.18
C ARG A 101 -10.42 35.51 23.16
N VAL A 102 -10.79 35.35 24.44
CA VAL A 102 -9.99 35.52 25.67
C VAL A 102 -10.07 36.96 26.14
N ALA A 103 -10.79 37.15 27.23
CA ALA A 103 -10.97 38.48 27.79
C ALA A 103 -9.61 39.08 28.11
N GLY A 104 -9.41 40.32 27.70
CA GLY A 104 -8.15 41.03 27.85
C GLY A 104 -7.40 41.05 26.53
N THR A 105 -7.85 40.29 25.54
CA THR A 105 -7.20 40.32 24.24
C THR A 105 -7.17 41.71 23.62
N ALA A 106 -6.11 41.96 22.84
CA ALA A 106 -5.99 43.16 22.02
C ALA A 106 -5.97 42.82 20.53
N ALA A 107 -6.33 41.59 20.19
CA ALA A 107 -6.30 41.20 18.78
C ALA A 107 -7.29 42.00 17.93
N GLN A 108 -6.91 42.22 16.67
CA GLN A 108 -7.76 42.91 15.73
C GLN A 108 -8.69 41.96 14.99
N GLY A 109 -9.76 42.46 14.40
CA GLY A 109 -10.64 41.65 13.59
C GLY A 109 -10.11 41.45 12.19
N ILE A 110 -10.26 42.48 11.37
CA ILE A 110 -9.91 42.45 9.95
C ILE A 110 -8.89 43.56 9.68
N TYR A 111 -7.75 43.19 9.10
CA TYR A 111 -6.70 44.12 8.74
C TYR A 111 -6.39 44.00 7.25
N VAL A 112 -6.42 45.13 6.53
CA VAL A 112 -6.19 45.14 5.08
C VAL A 112 -5.12 46.17 4.75
N THR A 113 -4.07 45.76 4.03
CA THR A 113 -3.03 46.68 3.63
C THR A 113 -2.45 46.28 2.28
N ALA A 114 -1.44 47.02 1.85
CA ALA A 114 -0.82 46.80 0.55
C ALA A 114 0.64 47.16 0.69
N THR A 115 1.47 46.15 0.98
CA THR A 115 2.78 46.42 1.53
C THR A 115 3.84 46.87 0.54
N ASN A 116 3.57 46.79 -0.77
CA ASN A 116 4.52 47.30 -1.76
C ASN A 116 4.16 48.68 -2.30
N GLY A 117 3.03 49.22 -1.85
CA GLY A 117 2.47 50.45 -2.36
C GLY A 117 0.96 50.35 -2.42
N PRO A 118 0.25 51.48 -2.40
CA PRO A 118 -1.21 51.41 -2.38
C PRO A 118 -1.82 50.76 -3.59
N THR A 119 -2.90 50.01 -3.37
CA THR A 119 -3.70 49.52 -4.47
C THR A 119 -4.57 50.64 -5.05
N LYS A 120 -4.88 50.53 -6.34
N LYS A 120 -4.89 50.54 -6.33
CA LYS A 120 -5.86 51.40 -6.99
CA LYS A 120 -5.87 51.41 -6.95
C LYS A 120 -7.28 50.85 -6.87
C LYS A 120 -7.29 50.95 -6.65
N GLY A 121 -7.43 49.70 -6.23
CA GLY A 121 -8.75 49.09 -6.09
C GLY A 121 -9.46 49.40 -4.80
N ASN A 122 -10.74 49.10 -4.78
CA ASN A 122 -11.51 49.29 -3.55
C ASN A 122 -10.97 48.48 -2.40
N LEU A 123 -10.91 49.08 -1.21
CA LEU A 123 -10.46 48.35 -0.04
C LEU A 123 -11.58 47.44 0.48
N ILE A 124 -12.81 47.94 0.44
CA ILE A 124 -14.00 47.14 0.74
C ILE A 124 -15.11 47.66 -0.14
N ALA A 125 -15.92 46.73 -0.63
CA ALA A 125 -17.10 47.06 -1.44
C ALA A 125 -18.21 46.11 -1.06
N LEU A 126 -19.27 46.66 -0.48
CA LEU A 126 -20.46 45.93 -0.07
C LEU A 126 -21.56 46.29 -1.05
N ARG A 127 -21.92 45.33 -1.87
CA ARG A 127 -22.78 45.50 -3.03
C ARG A 127 -23.97 44.52 -3.03
N ASN A 128 -24.98 44.84 -2.24
CA ASN A 128 -26.17 44.04 -2.12
C ASN A 128 -27.29 44.50 -3.04
N ASN A 129 -27.47 45.82 -3.11
CA ASN A 129 -28.57 46.40 -3.86
C ASN A 129 -28.12 46.82 -5.25
N THR A 130 -28.84 46.37 -6.28
CA THR A 130 -28.50 46.58 -7.67
CA THR A 130 -28.34 46.56 -7.64
C THR A 130 -28.12 48.03 -7.98
N GLY A 131 -27.00 48.24 -8.68
CA GLY A 131 -26.63 49.54 -9.17
C GLY A 131 -25.94 50.41 -8.14
N LEU A 132 -25.90 49.96 -6.90
CA LEU A 132 -25.35 50.80 -5.82
C LEU A 132 -24.15 50.19 -5.13
N ASP A 133 -23.30 51.07 -4.61
CA ASP A 133 -22.35 50.74 -3.57
C ASP A 133 -23.00 51.04 -2.23
N ASP A 134 -23.44 50.03 -1.53
CA ASP A 134 -24.04 50.25 -0.21
C ASP A 134 -23.02 50.84 0.76
N PHE A 135 -21.80 50.31 0.77
CA PHE A 135 -20.69 50.88 1.48
C PHE A 135 -19.45 50.53 0.69
N VAL A 136 -18.67 51.54 0.36
CA VAL A 136 -17.41 51.35 -0.36
C VAL A 136 -16.35 52.27 0.19
N VAL A 137 -15.15 51.74 0.33
CA VAL A 137 -13.97 52.53 0.62
C VAL A 137 -13.05 52.38 -0.58
N LYS A 138 -12.83 53.44 -1.32
CA LYS A 138 -11.98 53.42 -2.52
C LYS A 138 -10.51 53.28 -2.15
N GLY A 139 -9.67 52.96 -3.11
CA GLY A 139 -8.23 52.96 -2.90
C GLY A 139 -7.68 54.28 -2.42
N THR A 140 -8.31 55.37 -2.85
CA THR A 140 -7.93 56.72 -2.42
C THR A 140 -8.27 57.00 -0.97
N GLY A 141 -9.09 56.14 -0.35
CA GLY A 141 -9.60 56.33 0.99
C GLY A 141 -10.97 57.01 1.03
N ARG A 142 -11.46 57.52 -0.08
CA ARG A 142 -12.80 58.12 -0.04
C ARG A 142 -13.86 57.06 0.16
N ILE A 143 -14.92 57.44 0.86
CA ILE A 143 -16.01 56.51 1.19
C ILE A 143 -17.32 56.94 0.53
N GLY A 144 -18.02 55.96 -0.04
CA GLY A 144 -19.35 56.14 -0.55
C GLY A 144 -20.36 55.31 0.18
N VAL A 145 -21.52 55.93 0.45
CA VAL A 145 -22.61 55.27 1.13
C VAL A 145 -23.84 55.50 0.27
N GLY A 146 -24.29 54.48 -0.47
CA GLY A 146 -25.45 54.63 -1.33
C GLY A 146 -25.15 55.32 -2.66
N ILE A 147 -23.89 55.50 -2.99
CA ILE A 147 -23.56 56.11 -4.29
C ILE A 147 -23.78 55.11 -5.41
N ASP A 148 -23.89 55.60 -6.65
CA ASP A 148 -24.03 54.71 -7.76
C ASP A 148 -22.82 53.83 -7.79
N ARG A 149 -23.10 52.57 -8.06
CA ARG A 149 -22.06 51.60 -8.11
C ARG A 149 -21.02 52.06 -9.08
N ALA A 150 -19.81 51.96 -8.59
CA ALA A 150 -18.61 52.30 -9.32
C ALA A 150 -18.39 53.78 -9.56
N ALA A 151 -19.31 54.62 -9.12
CA ALA A 151 -19.11 56.06 -9.22
C ALA A 151 -18.01 56.45 -8.24
N THR A 152 -17.46 57.64 -8.41
CA THR A 152 -16.42 58.13 -7.53
C THR A 152 -16.98 59.09 -6.46
N PRO A 153 -16.72 58.83 -5.17
CA PRO A 153 -17.17 59.78 -4.15
C PRO A 153 -16.61 61.18 -4.39
N ARG A 154 -17.44 62.20 -4.11
CA ARG A 154 -17.05 63.58 -4.38
C ARG A 154 -16.67 64.33 -3.09
N ALA A 155 -16.42 63.58 -2.02
CA ALA A 155 -15.90 64.10 -0.78
C ALA A 155 -15.21 62.96 -0.06
N GLN A 156 -14.57 63.24 1.07
CA GLN A 156 -13.95 62.17 1.81
C GLN A 156 -14.97 61.09 2.21
N VAL A 157 -16.17 61.53 2.57
CA VAL A 157 -17.34 60.65 2.79
C VAL A 157 -18.50 61.25 2.02
N HIS A 158 -19.17 60.45 1.19
CA HIS A 158 -20.26 60.87 0.33
C HIS A 158 -21.47 59.97 0.61
N ILE A 159 -22.55 60.54 1.17
CA ILE A 159 -23.74 59.80 1.53
C ILE A 159 -24.88 60.24 0.63
N VAL A 160 -25.65 59.30 0.09
CA VAL A 160 -26.86 59.59 -0.64
C VAL A 160 -28.06 58.98 0.07
N GLN A 161 -29.07 59.81 0.31
CA GLN A 161 -30.34 59.36 0.87
C GLN A 161 -31.07 58.47 -0.16
N ARG A 162 -31.30 57.20 0.17
CA ARG A 162 -31.90 56.27 -0.77
C ARG A 162 -33.20 55.66 -0.25
N GLY A 163 -33.90 54.97 -1.15
CA GLY A 163 -35.07 54.20 -0.76
C GLY A 163 -36.12 55.07 -0.12
N ASP A 164 -36.64 54.60 1.01
CA ASP A 164 -37.58 55.40 1.78
C ASP A 164 -36.96 55.98 3.05
N ALA A 165 -35.63 56.08 3.08
CA ALA A 165 -34.98 56.77 4.18
C ALA A 165 -35.43 58.24 4.20
N LEU A 166 -35.69 58.72 5.41
CA LEU A 166 -36.19 60.07 5.62
C LEU A 166 -35.09 61.11 5.78
N ALA A 167 -33.85 60.64 5.91
CA ALA A 167 -32.73 61.56 5.95
C ALA A 167 -31.50 60.81 5.48
N ALA A 168 -30.53 61.53 4.95
CA ALA A 168 -29.24 60.92 4.64
C ALA A 168 -28.44 60.59 5.89
N LEU A 169 -28.56 61.42 6.92
CA LEU A 169 -27.73 61.29 8.11
C LEU A 169 -28.58 61.63 9.29
N LEU A 170 -28.54 60.80 10.34
CA LEU A 170 -29.14 61.12 11.63
C LEU A 170 -28.02 61.06 12.64
N VAL A 171 -27.85 62.15 13.38
CA VAL A 171 -26.86 62.27 14.41
CA VAL A 171 -26.87 62.19 14.44
C VAL A 171 -27.55 62.41 15.77
N GLU A 172 -27.43 61.43 16.63
CA GLU A 172 -27.94 61.50 17.98
CA GLU A 172 -27.95 61.50 17.98
C GLU A 172 -26.78 61.93 18.87
N GLY A 173 -26.57 63.23 18.91
CA GLY A 173 -25.44 63.82 19.60
C GLY A 173 -25.03 65.10 18.90
N SER A 174 -23.91 65.67 19.33
CA SER A 174 -23.41 66.91 18.74
C SER A 174 -22.48 66.63 17.56
N VAL A 175 -22.33 67.67 16.72
CA VAL A 175 -21.47 67.64 15.53
C VAL A 175 -20.41 68.70 15.66
N ARG A 176 -19.17 68.29 15.90
CA ARG A 176 -18.08 69.23 15.97
C ARG A 176 -17.52 69.46 14.58
N ILE A 177 -17.32 70.72 14.25
CA ILE A 177 -16.76 71.09 12.96
C ILE A 177 -15.49 71.88 13.24
N GLY A 178 -14.35 71.33 12.83
CA GLY A 178 -13.07 72.01 12.94
C GLY A 178 -12.95 73.15 11.96
N ASN A 179 -12.04 74.06 12.26
CA ASN A 179 -11.80 75.15 11.34
C ASN A 179 -11.26 74.57 10.04
N ALA A 180 -11.83 74.97 8.92
CA ALA A 180 -11.41 74.38 7.64
C ALA A 180 -9.99 74.76 7.27
N ALA A 181 -9.17 73.77 6.94
CA ALA A 181 -7.80 74.02 6.50
C ALA A 181 -7.82 74.74 5.16
N THR A 182 -8.80 74.39 4.34
CA THR A 182 -9.04 75.05 3.07
C THR A 182 -10.46 75.63 3.08
N VAL A 183 -10.53 76.96 3.19
CA VAL A 183 -11.83 77.65 3.15
C VAL A 183 -12.51 77.36 1.81
N PRO A 184 -13.78 76.93 1.85
CA PRO A 184 -14.45 76.65 0.58
C PRO A 184 -14.57 77.89 -0.30
N THR A 185 -14.21 77.74 -1.56
CA THR A 185 -14.49 78.78 -2.55
C THR A 185 -15.20 78.19 -3.75
N SER A 186 -15.93 77.11 -3.47
CA SER A 186 -16.74 76.41 -4.46
CA SER A 186 -16.74 76.42 -4.46
C SER A 186 -17.65 75.46 -3.69
N VAL A 187 -18.70 74.98 -4.35
CA VAL A 187 -19.64 74.01 -3.79
C VAL A 187 -19.68 72.73 -4.66
N ASP A 188 -20.41 71.71 -4.23
CA ASP A 188 -20.46 70.46 -4.99
C ASP A 188 -20.97 70.73 -6.41
N SER A 189 -20.53 69.89 -7.34
CA SER A 189 -20.87 70.08 -8.75
C SER A 189 -22.37 69.99 -9.01
N SER A 190 -23.11 69.33 -8.12
CA SER A 190 -24.56 69.17 -8.30
C SER A 190 -25.34 70.19 -7.49
N GLY A 191 -24.65 71.10 -6.81
CA GLY A 191 -25.35 72.20 -6.15
C GLY A 191 -25.40 72.12 -4.63
N GLY A 192 -26.23 72.96 -4.02
CA GLY A 192 -26.32 73.09 -2.58
C GLY A 192 -25.35 74.13 -2.07
N GLY A 193 -24.76 73.86 -0.92
CA GLY A 193 -23.71 74.74 -0.43
C GLY A 193 -22.74 74.02 0.44
N ALA A 194 -21.91 74.81 1.10
CA ALA A 194 -20.85 74.30 1.93
C ALA A 194 -20.94 74.95 3.29
N LEU A 195 -21.03 74.11 4.31
CA LEU A 195 -21.03 74.51 5.71
C LEU A 195 -19.62 74.29 6.27
N TYR A 196 -19.05 75.29 6.92
CA TYR A 196 -17.69 75.20 7.44
C TYR A 196 -17.45 76.11 8.62
N ALA A 197 -16.39 75.86 9.37
CA ALA A 197 -15.99 76.72 10.45
C ALA A 197 -14.72 77.47 10.09
N SER A 198 -14.63 78.70 10.59
CA SER A 198 -13.43 79.52 10.46
CA SER A 198 -13.42 79.50 10.47
C SER A 198 -13.28 80.37 11.70
N GLY A 199 -12.14 80.27 12.38
CA GLY A 199 -11.90 81.05 13.59
C GLY A 199 -12.92 80.78 14.69
N GLY A 200 -13.55 79.61 14.61
CA GLY A 200 -14.53 79.20 15.60
C GLY A 200 -15.96 79.64 15.31
N ALA A 201 -16.12 80.38 14.22
CA ALA A 201 -17.44 80.80 13.73
C ALA A 201 -17.93 79.79 12.71
N LEU A 202 -19.25 79.76 12.51
CA LEU A 202 -19.90 78.84 11.58
C LEU A 202 -20.38 79.65 10.37
N LEU A 203 -20.09 79.17 9.18
CA LEU A 203 -20.42 79.86 7.94
C LEU A 203 -21.04 78.93 6.91
N TRP A 204 -21.81 79.51 6.01
CA TRP A 204 -22.33 78.82 4.83
C TRP A 204 -21.90 79.58 3.60
N ARG A 205 -21.40 78.85 2.61
CA ARG A 205 -21.22 79.41 1.27
C ARG A 205 -22.28 78.74 0.40
N GLY A 206 -23.17 79.57 -0.15
CA GLY A 206 -24.25 79.10 -0.99
C GLY A 206 -23.81 78.97 -2.43
N SER A 207 -24.68 78.43 -3.27
CA SER A 207 -24.29 78.09 -4.64
C SER A 207 -24.13 79.31 -5.53
N ASN A 208 -24.61 80.47 -5.06
CA ASN A 208 -24.38 81.74 -5.76
C ASN A 208 -23.15 82.48 -5.24
N GLY A 209 -22.41 81.85 -4.34
CA GLY A 209 -21.18 82.41 -3.84
C GLY A 209 -21.34 83.24 -2.58
N THR A 210 -22.57 83.38 -2.11
CA THR A 210 -22.84 84.17 -0.92
C THR A 210 -22.30 83.46 0.32
N VAL A 211 -21.47 84.18 1.06
CA VAL A 211 -20.90 83.72 2.32
C VAL A 211 -21.62 84.43 3.46
N THR A 212 -22.20 83.63 4.35
CA THR A 212 -22.93 84.13 5.50
C THR A 212 -22.31 83.58 6.76
N THR A 213 -22.01 84.46 7.72
CA THR A 213 -21.65 84.03 9.04
C THR A 213 -22.93 83.73 9.79
N ILE A 214 -23.09 82.48 10.15
CA ILE A 214 -24.27 82.01 10.84
C ILE A 214 -24.17 82.24 12.34
N ALA A 215 -23.01 81.99 12.91
CA ALA A 215 -22.83 82.18 14.34
C ALA A 215 -21.36 82.47 14.63
N PRO A 216 -21.08 83.33 15.61
CA PRO A 216 -19.69 83.68 15.93
C PRO A 216 -19.00 82.64 16.82
N ALA A 217 -17.68 82.77 16.93
CA ALA A 217 -16.92 82.09 17.96
C ALA A 217 -17.38 82.45 19.35
N THR B 7 9.72 0.03 7.55
CA THR B 7 8.86 -1.14 7.63
C THR B 7 7.38 -0.77 7.47
N THR B 8 6.63 -1.65 6.82
CA THR B 8 5.21 -1.45 6.57
C THR B 8 4.40 -2.68 6.97
N THR B 9 3.41 -2.47 7.81
CA THR B 9 2.58 -3.56 8.32
C THR B 9 1.13 -3.45 7.83
N PHE B 10 0.74 -4.41 6.99
CA PHE B 10 -0.64 -4.57 6.56
C PHE B 10 -1.37 -5.50 7.53
N ASP B 11 -2.46 -5.01 8.11
CA ASP B 11 -3.23 -5.80 9.06
C ASP B 11 -4.07 -6.89 8.37
N GLY B 12 -4.16 -6.82 7.04
CA GLY B 12 -4.94 -7.78 6.28
C GLY B 12 -4.17 -8.34 5.09
N PRO B 13 -4.89 -9.06 4.20
CA PRO B 13 -4.21 -9.62 3.04
C PRO B 13 -3.80 -8.57 2.00
N VAL B 14 -2.73 -8.88 1.30
CA VAL B 14 -2.25 -8.10 0.17
C VAL B 14 -2.34 -8.94 -1.11
N ALA B 15 -2.85 -8.32 -2.15
CA ALA B 15 -2.87 -8.91 -3.49
C ALA B 15 -2.14 -7.97 -4.43
N ALA B 16 -1.40 -8.54 -5.37
CA ALA B 16 -0.62 -7.75 -6.32
C ALA B 16 -0.41 -8.53 -7.61
N GLU B 17 0.13 -7.85 -8.63
CA GLU B 17 0.39 -8.49 -9.92
C GLU B 17 1.66 -9.31 -9.84
N ARG B 18 2.51 -9.01 -8.85
CA ARG B 18 3.81 -9.63 -8.72
C ARG B 18 4.48 -9.13 -7.46
N PHE B 19 5.28 -9.99 -6.82
CA PHE B 19 6.09 -9.62 -5.67
C PHE B 19 7.56 -9.88 -5.97
N SER B 20 8.40 -8.89 -5.72
CA SER B 20 9.83 -9.03 -5.97
CA SER B 20 9.83 -9.05 -5.96
C SER B 20 10.65 -8.43 -4.85
N ALA B 21 11.78 -9.06 -4.56
CA ALA B 21 12.72 -8.57 -3.56
C ALA B 21 14.14 -8.91 -4.01
N ASP B 22 15.01 -7.90 -3.98
CA ASP B 22 16.43 -8.09 -4.23
C ASP B 22 17.16 -7.45 -3.04
N THR B 23 17.58 -8.28 -2.11
CA THR B 23 17.88 -7.82 -0.76
C THR B 23 19.03 -8.57 -0.10
N THR B 24 19.49 -8.07 1.04
CA THR B 24 20.48 -8.76 1.86
C THR B 24 19.82 -9.39 3.08
N LEU B 25 18.55 -9.07 3.30
CA LEU B 25 17.74 -9.76 4.30
C LEU B 25 17.26 -11.05 3.69
N GLU B 26 16.64 -11.89 4.51
CA GLU B 26 15.87 -12.98 3.95
C GLU B 26 14.70 -12.37 3.19
N ALA B 27 14.57 -12.73 1.91
CA ALA B 27 13.57 -12.09 1.05
C ALA B 27 12.15 -12.46 1.43
N ALA B 28 11.94 -13.67 1.94
CA ALA B 28 10.60 -14.09 2.34
C ALA B 28 10.57 -15.00 3.57
N PHE B 29 9.64 -14.71 4.48
CA PHE B 29 9.35 -15.57 5.62
C PHE B 29 7.83 -15.78 5.68
N LEU B 30 7.39 -16.99 5.37
CA LEU B 30 5.97 -17.27 5.25
C LEU B 30 5.61 -18.37 6.22
N LYS B 31 4.96 -17.98 7.30
CA LYS B 31 4.57 -18.90 8.36
C LYS B 31 3.05 -18.94 8.51
N THR B 32 2.51 -20.15 8.48
CA THR B 32 1.09 -20.41 8.64
C THR B 32 0.90 -21.42 9.77
N THR B 33 -0.07 -21.16 10.63
CA THR B 33 -0.50 -22.12 11.63
C THR B 33 -1.98 -22.43 11.37
N SER B 34 -2.24 -23.62 10.85
CA SER B 34 -3.59 -24.00 10.48
C SER B 34 -3.77 -25.51 10.38
N GLU B 35 -5.03 -25.95 10.46
N GLU B 35 -5.03 -25.93 10.47
CA GLU B 35 -5.36 -27.37 10.30
CA GLU B 35 -5.39 -27.34 10.33
C GLU B 35 -5.98 -27.62 8.95
C GLU B 35 -6.00 -27.62 8.95
N THR B 36 -6.10 -26.57 8.12
CA THR B 36 -6.75 -26.68 6.81
C THR B 36 -5.98 -26.02 5.67
N ASN B 37 -5.24 -24.95 5.97
CA ASN B 37 -4.52 -24.21 4.96
C ASN B 37 -3.07 -24.62 4.85
N HIS B 38 -2.55 -24.71 3.62
CA HIS B 38 -1.10 -24.85 3.41
C HIS B 38 -0.45 -23.53 3.80
N ALA B 39 0.87 -23.51 3.94
CA ALA B 39 1.57 -22.25 4.20
C ALA B 39 1.80 -21.49 2.89
N ALA B 40 2.00 -22.24 1.82
CA ALA B 40 2.22 -21.62 0.51
C ALA B 40 1.80 -22.53 -0.64
N THR B 41 1.17 -21.94 -1.65
CA THR B 41 0.90 -22.63 -2.91
C THR B 41 1.53 -21.84 -4.06
N ILE B 42 2.29 -22.55 -4.90
CA ILE B 42 2.90 -21.99 -6.10
C ILE B 42 2.39 -22.79 -7.29
N TYR B 43 1.77 -22.10 -8.24
CA TYR B 43 0.98 -22.72 -9.28
C TYR B 43 1.30 -22.12 -10.65
N GLN B 44 1.77 -22.94 -11.57
CA GLN B 44 1.94 -22.57 -12.97
C GLN B 44 0.76 -23.12 -13.76
N ALA B 45 -0.12 -22.22 -14.21
CA ALA B 45 -1.34 -22.61 -14.90
C ALA B 45 -1.18 -22.64 -16.40
N GLY B 46 -0.05 -22.16 -16.91
CA GLY B 46 0.26 -22.25 -18.33
C GLY B 46 0.21 -23.69 -18.80
N THR B 47 -0.16 -23.91 -20.06
CA THR B 47 -0.31 -25.27 -20.59
CA THR B 47 -0.33 -25.26 -20.60
C THR B 47 0.68 -25.54 -21.71
N SER B 48 1.69 -24.68 -21.83
CA SER B 48 2.77 -24.87 -22.79
C SER B 48 3.88 -23.88 -22.50
N GLY B 49 5.01 -24.03 -23.16
CA GLY B 49 6.09 -23.07 -23.03
C GLY B 49 7.24 -23.46 -22.12
N ASP B 50 7.97 -22.49 -21.65
CA ASP B 50 9.17 -22.73 -20.88
C ASP B 50 9.02 -22.39 -19.40
N GLY B 51 7.81 -22.17 -18.93
CA GLY B 51 7.56 -21.82 -17.54
C GLY B 51 7.42 -23.00 -16.59
N ALA B 52 8.22 -22.97 -15.52
CA ALA B 52 8.08 -23.88 -14.41
C ALA B 52 7.15 -23.28 -13.36
N ALA B 53 6.81 -24.05 -12.34
CA ALA B 53 6.11 -23.52 -11.18
C ALA B 53 7.13 -22.82 -10.27
N LEU B 54 8.22 -23.54 -9.99
CA LEU B 54 9.19 -23.07 -9.01
C LEU B 54 10.62 -23.33 -9.49
N ASN B 55 11.41 -22.26 -9.44
CA ASN B 55 12.80 -22.27 -9.86
C ASN B 55 13.68 -21.83 -8.68
N VAL B 56 14.49 -22.75 -8.15
CA VAL B 56 15.31 -22.49 -6.96
C VAL B 56 16.78 -22.63 -7.31
N ILE B 57 17.57 -21.60 -6.98
CA ILE B 57 18.98 -21.53 -7.33
C ILE B 57 19.79 -21.06 -6.14
N SER B 58 20.92 -21.69 -5.90
CA SER B 58 21.88 -21.20 -4.93
C SER B 58 23.28 -21.15 -5.51
N ASP B 59 23.99 -20.08 -5.17
CA ASP B 59 25.40 -19.92 -5.52
C ASP B 59 26.31 -20.14 -4.31
N ASN B 60 25.74 -20.59 -3.20
CA ASN B 60 26.51 -20.76 -1.98
C ASN B 60 26.95 -22.20 -1.83
N PRO B 61 28.28 -22.45 -1.90
CA PRO B 61 28.73 -23.84 -1.79
C PRO B 61 28.75 -24.41 -0.36
N GLY B 62 28.55 -23.57 0.65
CA GLY B 62 28.67 -23.99 2.03
C GLY B 62 27.40 -24.55 2.66
N THR B 63 26.30 -24.52 1.91
CA THR B 63 25.00 -24.88 2.46
C THR B 63 24.11 -25.49 1.38
N SER B 64 23.28 -26.47 1.75
CA SER B 64 22.29 -27.02 0.83
C SER B 64 21.46 -25.90 0.20
N ALA B 65 21.22 -25.99 -1.10
CA ALA B 65 20.39 -25.01 -1.79
C ALA B 65 18.97 -25.06 -1.21
N MSE B 66 18.57 -26.24 -0.77
CA MSE B 66 17.23 -26.42 -0.24
C MSE B 66 17.15 -27.43 0.88
O MSE B 66 17.67 -28.56 0.78
CB MSE B 66 16.28 -26.82 -1.35
CG MSE B 66 14.87 -26.96 -0.89
SE MSE B 66 13.68 -27.21 -2.40
CE MSE B 66 12.11 -27.61 -1.34
H MSE B 66 19.04 -26.95 -0.77
HA MSE B 66 16.92 -25.56 0.10
HB2 MSE B 66 16.30 -26.13 -2.05
HB3 MSE B 66 16.57 -27.67 -1.72
HG2 MSE B 66 14.80 -27.74 -0.32
HG3 MSE B 66 14.61 -26.17 -0.41
HE1 MSE B 66 11.91 -26.85 -0.76
HE2 MSE B 66 11.35 -27.77 -1.93
HE3 MSE B 66 12.27 -28.40 -0.80
N TYR B 67 16.47 -27.05 1.96
CA TYR B 67 16.19 -27.91 3.10
C TYR B 67 14.70 -28.19 3.17
N LEU B 68 14.34 -29.44 3.46
CA LEU B 68 12.96 -29.82 3.69
C LEU B 68 12.89 -30.71 4.93
N SER B 69 12.05 -30.33 5.89
CA SER B 69 11.89 -31.12 7.10
C SER B 69 10.43 -31.31 7.48
N GLY B 70 10.05 -32.56 7.73
CA GLY B 70 8.69 -32.93 8.08
C GLY B 70 8.67 -33.96 9.17
N THR B 71 7.49 -34.22 9.72
CA THR B 71 7.34 -35.21 10.77
C THR B 71 6.12 -36.11 10.56
N GLU B 72 5.96 -36.58 9.33
CA GLU B 72 4.78 -37.33 8.91
C GLU B 72 4.68 -38.71 9.56
N THR B 73 3.46 -39.14 9.85
CA THR B 73 3.26 -40.49 10.37
C THR B 73 2.90 -41.49 9.28
N ALA B 74 2.34 -41.04 8.15
CA ALA B 74 1.87 -41.99 7.14
C ALA B 74 1.92 -41.46 5.71
N ARG B 75 2.76 -40.47 5.47
CA ARG B 75 2.91 -39.88 4.14
CA ARG B 75 2.90 -39.85 4.15
C ARG B 75 4.37 -39.57 3.87
N GLY B 76 4.67 -39.21 2.62
CA GLY B 76 6.01 -38.81 2.25
C GLY B 76 6.31 -37.37 2.66
N THR B 77 7.54 -37.09 3.08
CA THR B 77 7.93 -35.72 3.45
C THR B 77 7.90 -34.82 2.20
N LEU B 78 8.46 -35.34 1.12
CA LEU B 78 8.24 -34.80 -0.22
C LEU B 78 7.46 -35.85 -1.01
N LYS B 79 6.30 -35.44 -1.53
CA LYS B 79 5.46 -36.28 -2.38
C LYS B 79 5.42 -35.70 -3.77
N ILE B 80 5.94 -36.46 -4.73
CA ILE B 80 5.96 -36.05 -6.12
C ILE B 80 5.00 -36.90 -6.93
N THR B 81 4.06 -36.24 -7.58
CA THR B 81 3.14 -36.87 -8.51
C THR B 81 3.45 -36.43 -9.92
N HIS B 82 3.64 -37.39 -10.83
CA HIS B 82 3.66 -37.11 -12.25
C HIS B 82 2.36 -37.58 -12.87
N ARG B 83 1.62 -36.63 -13.45
CA ARG B 83 0.36 -36.91 -14.12
C ARG B 83 0.68 -37.28 -15.56
N GLY B 84 0.57 -38.57 -15.87
CA GLY B 84 1.02 -39.09 -17.14
C GLY B 84 -0.02 -39.10 -18.23
N TYR B 85 0.29 -39.82 -19.30
CA TYR B 85 -0.53 -39.83 -20.51
C TYR B 85 -0.82 -41.27 -20.93
N ALA B 86 -2.08 -41.53 -21.26
CA ALA B 86 -2.53 -42.89 -21.56
C ALA B 86 -1.90 -43.47 -22.83
N ASP B 87 -1.35 -42.62 -23.66
CA ASP B 87 -0.74 -43.04 -24.91
C ASP B 87 0.75 -43.20 -24.83
N GLY B 88 1.27 -43.01 -23.65
CA GLY B 88 2.68 -43.28 -23.43
C GLY B 88 3.58 -42.21 -24.02
N SER B 89 3.02 -41.04 -24.30
CA SER B 89 3.77 -39.94 -24.90
C SER B 89 4.72 -39.28 -23.90
N ASP B 90 4.83 -39.86 -22.70
CA ASP B 90 5.74 -39.35 -21.68
C ASP B 90 6.91 -40.28 -21.41
N LYS B 91 7.35 -41.00 -22.43
CA LYS B 91 8.40 -42.00 -22.25
CA LYS B 91 8.40 -42.00 -22.24
C LYS B 91 9.74 -41.36 -21.88
N ASP B 92 9.92 -40.08 -22.19
CA ASP B 92 11.15 -39.38 -21.80
C ASP B 92 11.03 -38.55 -20.50
N ALA B 93 9.87 -38.62 -19.85
CA ALA B 93 9.66 -37.90 -18.60
C ALA B 93 10.07 -38.76 -17.39
N ALA B 94 10.19 -38.10 -16.24
CA ALA B 94 10.50 -38.79 -15.00
C ALA B 94 9.86 -38.01 -13.86
N ALA B 95 9.69 -38.65 -12.72
CA ALA B 95 9.25 -37.93 -11.52
C ALA B 95 10.41 -37.13 -10.92
N LEU B 96 11.60 -37.72 -10.95
CA LEU B 96 12.78 -37.14 -10.34
C LEU B 96 13.97 -37.32 -11.27
N SER B 97 14.61 -36.22 -11.64
CA SER B 97 15.79 -36.26 -12.49
C SER B 97 16.95 -35.50 -11.88
N LEU B 98 18.10 -36.17 -11.75
CA LEU B 98 19.31 -35.60 -11.12
C LEU B 98 20.42 -35.55 -12.14
N ASP B 99 21.10 -34.40 -12.21
CA ASP B 99 22.26 -34.21 -13.08
C ASP B 99 23.45 -33.70 -12.27
N LEU B 100 24.50 -34.53 -12.24
CA LEU B 100 25.76 -34.20 -11.60
C LEU B 100 26.69 -33.61 -12.63
N ARG B 101 26.75 -32.28 -12.67
CA ARG B 101 27.46 -31.57 -13.72
C ARG B 101 28.89 -31.25 -13.34
N VAL B 102 29.67 -30.95 -14.39
CA VAL B 102 31.08 -30.52 -14.34
C VAL B 102 32.05 -31.70 -14.29
N ALA B 103 32.74 -31.92 -15.40
CA ALA B 103 33.70 -33.01 -15.51
C ALA B 103 34.75 -32.87 -14.41
N GLY B 104 35.02 -33.98 -13.72
CA GLY B 104 35.93 -33.98 -12.58
C GLY B 104 35.20 -34.03 -11.26
N THR B 105 33.90 -33.79 -11.28
CA THR B 105 33.11 -33.83 -10.06
C THR B 105 33.23 -35.17 -9.32
N ALA B 106 33.08 -35.13 -8.01
CA ALA B 106 33.04 -36.33 -7.17
C ALA B 106 31.74 -36.37 -6.37
N ALA B 107 30.80 -35.50 -6.73
CA ALA B 107 29.49 -35.46 -6.08
C ALA B 107 28.72 -36.76 -6.24
N GLN B 108 27.96 -37.10 -5.20
CA GLN B 108 27.13 -38.29 -5.21
C GLN B 108 25.76 -37.98 -5.75
N GLY B 109 25.06 -39.02 -6.19
CA GLY B 109 23.69 -38.88 -6.66
C GLY B 109 22.69 -38.81 -5.52
N ILE B 110 22.39 -39.97 -4.93
CA ILE B 110 21.40 -40.11 -3.88
C ILE B 110 22.05 -40.73 -2.64
N TYR B 111 21.90 -40.07 -1.49
CA TYR B 111 22.49 -40.51 -0.24
C TYR B 111 21.38 -40.63 0.79
N VAL B 112 21.25 -41.79 1.43
CA VAL B 112 20.22 -42.04 2.41
C VAL B 112 20.83 -42.60 3.67
N THR B 113 20.53 -42.01 4.81
CA THR B 113 21.01 -42.55 6.07
C THR B 113 20.01 -42.26 7.19
N ALA B 114 20.37 -42.65 8.41
CA ALA B 114 19.50 -42.53 9.58
C ALA B 114 20.40 -42.24 10.75
N THR B 115 20.59 -40.94 11.02
CA THR B 115 21.70 -40.50 11.86
C THR B 115 21.53 -40.75 13.35
N ASN B 116 20.35 -41.17 13.79
CA ASN B 116 20.14 -41.47 15.22
C ASN B 116 20.15 -42.97 15.49
N GLY B 117 20.32 -43.75 14.44
CA GLY B 117 20.18 -45.19 14.51
C GLY B 117 19.33 -45.70 13.37
N PRO B 118 19.44 -46.99 13.05
CA PRO B 118 18.79 -47.53 11.86
C PRO B 118 17.26 -47.44 11.91
N THR B 119 16.65 -47.16 10.77
CA THR B 119 15.21 -47.23 10.66
C THR B 119 14.79 -48.69 10.51
N LYS B 120 13.55 -48.96 10.87
N LYS B 120 13.55 -48.96 10.91
CA LYS B 120 12.99 -50.30 10.67
CA LYS B 120 12.94 -50.26 10.69
C LYS B 120 12.26 -50.38 9.33
C LYS B 120 12.40 -50.38 9.27
N GLY B 121 12.07 -49.24 8.66
CA GLY B 121 11.42 -49.23 7.34
C GLY B 121 12.31 -49.50 6.14
N ASN B 122 11.68 -49.70 4.98
CA ASN B 122 12.41 -49.95 3.74
C ASN B 122 13.28 -48.76 3.40
N LEU B 123 14.50 -49.00 2.95
CA LEU B 123 15.36 -47.93 2.51
C LEU B 123 14.94 -47.44 1.12
N ILE B 124 14.57 -48.37 0.25
CA ILE B 124 14.00 -48.05 -1.05
C ILE B 124 13.01 -49.15 -1.40
N ALA B 125 11.88 -48.77 -1.99
CA ALA B 125 10.89 -49.74 -2.45
C ALA B 125 10.33 -49.27 -3.76
N LEU B 126 10.57 -50.05 -4.81
CA LEU B 126 10.07 -49.78 -6.15
C LEU B 126 8.96 -50.77 -6.45
N ARG B 127 7.73 -50.26 -6.50
CA ARG B 127 6.52 -51.07 -6.53
C ARG B 127 5.63 -50.70 -7.70
N ASN B 128 5.98 -51.24 -8.86
CA ASN B 128 5.28 -50.93 -10.10
C ASN B 128 4.25 -52.01 -10.45
N ASN B 129 4.65 -53.26 -10.30
CA ASN B 129 3.83 -54.39 -10.71
C ASN B 129 3.00 -54.98 -9.57
N THR B 130 1.70 -55.17 -9.83
CA THR B 130 0.76 -55.58 -8.79
C THR B 130 1.24 -56.87 -8.10
N GLY B 131 1.20 -56.85 -6.76
CA GLY B 131 1.56 -58.03 -5.99
C GLY B 131 3.06 -58.24 -5.77
N LEU B 132 3.89 -57.38 -6.35
CA LEU B 132 5.34 -57.58 -6.30
C LEU B 132 6.08 -56.41 -5.67
N ASP B 133 7.23 -56.73 -5.08
CA ASP B 133 8.28 -55.75 -4.83
C ASP B 133 9.29 -55.91 -5.97
N ASP B 134 9.25 -55.01 -6.94
CA ASP B 134 10.18 -55.09 -8.05
C ASP B 134 11.65 -54.98 -7.60
N PHE B 135 11.93 -54.01 -6.73
CA PHE B 135 13.23 -53.86 -6.10
C PHE B 135 13.00 -53.23 -4.73
N VAL B 136 13.45 -53.92 -3.68
CA VAL B 136 13.30 -53.41 -2.33
C VAL B 136 14.56 -53.70 -1.52
N VAL B 137 14.98 -52.71 -0.74
CA VAL B 137 16.04 -52.86 0.23
C VAL B 137 15.39 -52.61 1.57
N LYS B 138 15.29 -53.67 2.38
CA LYS B 138 14.70 -53.55 3.71
C LYS B 138 15.60 -52.79 4.68
N GLY B 139 15.03 -52.34 5.78
CA GLY B 139 15.80 -51.75 6.86
C GLY B 139 16.97 -52.64 7.33
N THR B 140 16.79 -53.95 7.30
CA THR B 140 17.84 -54.90 7.65
C THR B 140 18.99 -54.94 6.64
N GLY B 141 18.76 -54.37 5.45
CA GLY B 141 19.72 -54.44 4.37
C GLY B 141 19.42 -55.56 3.38
N ARG B 142 18.50 -56.47 3.71
CA ARG B 142 18.20 -57.54 2.74
C ARG B 142 17.49 -56.97 1.52
N ILE B 143 17.77 -57.56 0.36
CA ILE B 143 17.25 -57.09 -0.90
C ILE B 143 16.34 -58.12 -1.53
N GLY B 144 15.16 -57.67 -1.98
CA GLY B 144 14.25 -58.49 -2.76
C GLY B 144 14.12 -57.97 -4.17
N VAL B 145 14.10 -58.91 -5.13
CA VAL B 145 13.96 -58.62 -6.55
C VAL B 145 12.84 -59.51 -7.09
N GLY B 146 11.65 -58.97 -7.29
CA GLY B 146 10.52 -59.76 -7.74
C GLY B 146 9.88 -60.63 -6.67
N ILE B 147 10.18 -60.35 -5.39
CA ILE B 147 9.52 -61.09 -4.32
C ILE B 147 8.10 -60.58 -4.15
N ASP B 148 7.28 -61.35 -3.44
CA ASP B 148 5.92 -60.92 -3.16
C ASP B 148 5.98 -59.62 -2.38
N ARG B 149 5.08 -58.70 -2.67
CA ARG B 149 5.12 -57.37 -2.05
C ARG B 149 5.07 -57.49 -0.54
N ALA B 150 6.01 -56.81 0.11
CA ALA B 150 6.11 -56.69 1.58
C ALA B 150 6.62 -57.96 2.26
N ALA B 151 6.97 -58.97 1.48
CA ALA B 151 7.57 -60.18 2.04
C ALA B 151 8.98 -59.90 2.54
N THR B 152 9.44 -60.71 3.49
CA THR B 152 10.81 -60.64 3.95
C THR B 152 11.73 -61.46 3.02
N PRO B 153 12.78 -60.84 2.47
CA PRO B 153 13.71 -61.62 1.64
C PRO B 153 14.33 -62.76 2.45
N ARG B 154 14.54 -63.92 1.83
CA ARG B 154 15.02 -65.11 2.53
C ARG B 154 16.53 -65.35 2.34
N ALA B 155 17.23 -64.31 1.93
CA ALA B 155 18.68 -64.30 1.83
C ALA B 155 19.11 -62.83 1.80
N GLN B 156 20.42 -62.57 1.80
CA GLN B 156 20.87 -61.19 1.68
C GLN B 156 20.34 -60.53 0.41
N VAL B 157 20.31 -61.29 -0.69
CA VAL B 157 19.65 -60.91 -1.94
C VAL B 157 18.79 -62.10 -2.37
N HIS B 158 17.52 -61.83 -2.65
CA HIS B 158 16.53 -62.85 -2.98
C HIS B 158 15.89 -62.45 -4.32
N ILE B 159 16.11 -63.25 -5.37
CA ILE B 159 15.60 -62.99 -6.72
C ILE B 159 14.59 -64.04 -7.11
N VAL B 160 13.47 -63.62 -7.67
CA VAL B 160 12.45 -64.52 -8.21
C VAL B 160 12.31 -64.31 -9.71
N GLN B 161 12.46 -65.38 -10.49
CA GLN B 161 12.21 -65.39 -11.93
C GLN B 161 10.72 -65.17 -12.17
N ARG B 162 10.37 -64.05 -12.83
CA ARG B 162 8.97 -63.70 -13.07
C ARG B 162 8.65 -63.63 -14.57
N GLY B 163 7.36 -63.70 -14.89
CA GLY B 163 6.89 -63.42 -16.24
C GLY B 163 7.49 -64.38 -17.25
N ASP B 164 7.93 -63.84 -18.39
CA ASP B 164 8.56 -64.67 -19.42
C ASP B 164 10.09 -64.62 -19.38
N ALA B 165 10.67 -64.19 -18.27
CA ALA B 165 12.13 -64.25 -18.11
C ALA B 165 12.57 -65.71 -18.15
N LEU B 166 13.69 -65.94 -18.81
CA LEU B 166 14.19 -67.30 -19.04
C LEU B 166 15.17 -67.73 -17.95
N ALA B 167 15.59 -66.81 -17.10
CA ALA B 167 16.44 -67.11 -15.97
C ALA B 167 16.20 -66.06 -14.86
N ALA B 168 16.43 -66.45 -13.62
CA ALA B 168 16.42 -65.47 -12.51
C ALA B 168 17.64 -64.57 -12.58
N LEU B 169 18.78 -65.13 -13.02
CA LEU B 169 20.06 -64.43 -12.99
C LEU B 169 20.87 -64.79 -14.21
N LEU B 170 21.38 -63.78 -14.91
CA LEU B 170 22.37 -63.93 -15.96
C LEU B 170 23.64 -63.21 -15.55
N VAL B 171 24.76 -63.92 -15.59
CA VAL B 171 26.06 -63.36 -15.32
CA VAL B 171 26.06 -63.29 -15.36
C VAL B 171 26.94 -63.47 -16.57
N GLU B 172 27.35 -62.35 -17.16
CA GLU B 172 28.30 -62.35 -18.24
C GLU B 172 29.67 -62.10 -17.61
N GLY B 173 30.23 -63.17 -17.06
CA GLY B 173 31.52 -63.15 -16.39
C GLY B 173 31.58 -64.27 -15.38
N SER B 174 32.60 -64.27 -14.54
CA SER B 174 32.76 -65.33 -13.57
C SER B 174 32.05 -65.01 -12.26
N VAL B 175 31.82 -66.03 -11.46
CA VAL B 175 31.17 -65.93 -10.16
C VAL B 175 32.14 -66.42 -9.09
N ARG B 176 32.58 -65.52 -8.23
CA ARG B 176 33.42 -65.93 -7.11
C ARG B 176 32.57 -66.22 -5.90
N ILE B 177 32.86 -67.34 -5.23
CA ILE B 177 32.14 -67.74 -4.04
C ILE B 177 33.17 -67.90 -2.95
N GLY B 178 33.13 -67.07 -1.90
CA GLY B 178 34.08 -67.17 -0.79
C GLY B 178 33.72 -68.34 0.08
N ASN B 179 34.64 -68.79 0.92
CA ASN B 179 34.31 -69.89 1.83
C ASN B 179 33.18 -69.47 2.77
N ALA B 180 32.21 -70.35 2.98
CA ALA B 180 31.13 -70.07 3.92
C ALA B 180 31.66 -70.10 5.35
N ALA B 181 31.31 -69.10 6.14
CA ALA B 181 31.74 -69.05 7.53
C ALA B 181 31.03 -70.13 8.33
N THR B 182 29.79 -70.43 7.95
CA THR B 182 29.07 -71.53 8.57
CA THR B 182 29.02 -71.49 8.57
C THR B 182 28.52 -72.44 7.49
N VAL B 183 28.78 -73.73 7.66
CA VAL B 183 28.34 -74.74 6.70
C VAL B 183 26.81 -74.83 6.72
N PRO B 184 26.17 -74.74 5.55
CA PRO B 184 24.71 -74.91 5.55
C PRO B 184 24.22 -76.25 6.11
N THR B 185 23.08 -76.24 6.79
CA THR B 185 22.45 -77.45 7.31
C THR B 185 21.00 -77.59 6.83
N SER B 186 20.59 -76.70 5.92
CA SER B 186 19.24 -76.63 5.42
C SER B 186 19.25 -75.95 4.06
N VAL B 187 18.09 -76.00 3.39
CA VAL B 187 17.88 -75.35 2.10
C VAL B 187 16.64 -74.46 2.13
N ASP B 188 16.40 -73.70 1.06
CA ASP B 188 15.21 -72.85 1.00
C ASP B 188 13.88 -73.61 0.89
N SER B 189 12.79 -72.96 1.28
CA SER B 189 11.46 -73.54 1.18
C SER B 189 10.98 -73.76 -0.26
N SER B 190 11.67 -73.18 -1.24
CA SER B 190 11.37 -73.38 -2.66
C SER B 190 12.06 -74.64 -3.17
N GLY B 191 12.71 -75.35 -2.25
CA GLY B 191 13.38 -76.61 -2.57
C GLY B 191 14.72 -76.35 -3.17
N GLY B 192 15.21 -77.29 -3.97
CA GLY B 192 16.51 -77.15 -4.59
C GLY B 192 17.62 -77.46 -3.61
N GLY B 193 18.57 -76.56 -3.51
CA GLY B 193 19.70 -76.81 -2.62
C GLY B 193 20.54 -75.60 -2.33
N ALA B 194 21.69 -75.84 -1.72
CA ALA B 194 22.61 -74.79 -1.32
C ALA B 194 23.99 -75.07 -1.88
N LEU B 195 24.51 -74.10 -2.62
CA LEU B 195 25.83 -74.17 -3.26
C LEU B 195 26.75 -73.34 -2.40
N TYR B 196 27.88 -73.88 -1.98
CA TYR B 196 28.80 -73.12 -1.14
C TYR B 196 30.20 -73.58 -1.31
N ALA B 197 31.15 -72.72 -0.93
CA ALA B 197 32.54 -73.08 -0.89
C ALA B 197 32.96 -73.42 0.55
N SER B 198 33.84 -74.42 0.64
CA SER B 198 34.32 -74.90 1.91
C SER B 198 35.76 -75.36 1.71
N GLY B 199 36.69 -74.73 2.41
CA GLY B 199 38.10 -75.05 2.28
C GLY B 199 38.60 -74.91 0.85
N GLY B 200 38.00 -74.01 0.07
CA GLY B 200 38.41 -73.78 -1.31
C GLY B 200 37.73 -74.69 -2.34
N ALA B 201 36.98 -75.68 -1.86
CA ALA B 201 36.24 -76.63 -2.70
C ALA B 201 34.82 -76.13 -2.91
N LEU B 202 34.15 -76.62 -3.96
CA LEU B 202 32.76 -76.28 -4.25
C LEU B 202 31.88 -77.46 -3.85
N LEU B 203 30.84 -77.18 -3.06
CA LEU B 203 29.95 -78.20 -2.50
C LEU B 203 28.50 -77.89 -2.79
N TRP B 204 27.66 -78.92 -2.85
CA TRP B 204 26.20 -78.77 -2.92
C TRP B 204 25.55 -79.61 -1.86
N ARG B 205 24.66 -78.99 -1.10
CA ARG B 205 23.72 -79.68 -0.23
C ARG B 205 22.37 -79.73 -0.93
N GLY B 206 21.87 -80.91 -1.23
CA GLY B 206 20.57 -81.05 -1.85
C GLY B 206 19.42 -81.11 -0.87
N SER B 207 18.21 -81.13 -1.41
CA SER B 207 17.04 -81.01 -0.54
C SER B 207 16.82 -82.22 0.33
N ASN B 208 17.39 -83.36 -0.05
CA ASN B 208 17.24 -84.57 0.75
C ASN B 208 18.39 -84.70 1.74
N GLY B 209 19.28 -83.71 1.75
CA GLY B 209 20.34 -83.64 2.72
C GLY B 209 21.66 -84.21 2.27
N THR B 210 21.76 -84.63 1.01
CA THR B 210 23.04 -85.15 0.52
C THR B 210 24.01 -84.03 0.28
N VAL B 211 25.23 -84.19 0.78
CA VAL B 211 26.29 -83.19 0.61
C VAL B 211 27.38 -83.77 -0.29
N THR B 212 27.64 -83.11 -1.40
CA THR B 212 28.59 -83.55 -2.42
C THR B 212 29.66 -82.52 -2.64
N THR B 213 30.94 -82.93 -2.62
CA THR B 213 32.04 -82.05 -3.04
C THR B 213 32.16 -82.18 -4.56
N ILE B 214 31.74 -81.13 -5.26
CA ILE B 214 31.72 -81.10 -6.71
C ILE B 214 33.11 -80.91 -7.31
N ALA B 215 33.93 -80.04 -6.71
CA ALA B 215 35.25 -79.79 -7.27
C ALA B 215 36.19 -79.40 -6.16
N PRO B 216 37.46 -79.81 -6.25
CA PRO B 216 38.40 -79.54 -5.16
C PRO B 216 39.01 -78.14 -5.16
N ALA B 217 39.56 -77.76 -4.01
CA ALA B 217 40.40 -76.59 -3.93
C ALA B 217 41.60 -76.73 -4.86
S SO4 C . 0.47 39.64 9.17
O1 SO4 C . 1.08 40.18 10.38
O2 SO4 C . -0.27 38.40 9.41
O3 SO4 C . 1.57 39.36 8.24
O4 SO4 C . -0.40 40.61 8.57
S SO4 D . -15.36 49.40 -9.22
O1 SO4 D . -15.73 50.19 -8.06
O2 SO4 D . -14.30 48.44 -8.88
O3 SO4 D . -14.95 50.28 -10.33
O4 SO4 D . -16.53 48.66 -9.67
S SO4 E . -28.27 59.13 -8.64
O1 SO4 E . -28.68 60.51 -8.34
O2 SO4 E . -27.22 58.73 -7.71
O3 SO4 E . -27.78 59.08 -10.01
O4 SO4 E . -29.45 58.25 -8.50
NA NA F . 7.81 11.67 12.67
NA NA G . -26.19 85.42 9.94
NA NA H . -28.29 11.96 4.19
CL CL I . 7.26 22.98 -5.32
C1 PEG J . -11.70 63.48 -8.62
O1 PEG J . -11.99 62.23 -8.02
C2 PEG J . -11.23 64.45 -7.55
O2 PEG J . -12.00 65.67 -7.59
C3 PEG J . -12.91 65.87 -6.48
C4 PEG J . -14.18 65.02 -6.72
O4 PEG J . -15.24 65.81 -7.27
H11 PEG J . -10.98 63.35 -9.31
H12 PEG J . -12.52 63.84 -9.06
HO1 PEG J . -11.87 61.59 -8.60
H21 PEG J . -11.33 64.05 -6.71
H22 PEG J . -10.28 64.67 -7.70
H31 PEG J . -12.49 65.60 -5.67
H32 PEG J . -13.15 66.86 -6.42
H41 PEG J . -13.97 64.32 -7.33
H42 PEG J . -14.47 64.65 -5.87
HO4 PEG J . -16.02 65.38 -7.13
C1 PEG K . -5.75 61.31 -2.14
O1 PEG K . -5.93 59.92 -1.88
C2 PEG K . -6.61 61.76 -3.31
O2 PEG K . -7.79 62.43 -2.81
C3 PEG K . -8.70 61.51 -2.16
C4 PEG K . -9.41 62.21 -0.96
O4 PEG K . -8.73 61.86 0.22
H11 PEG K . -4.77 61.46 -2.36
H12 PEG K . -5.99 61.83 -1.33
HO1 PEG K . -5.20 59.58 -1.60
H21 PEG K . -6.86 61.02 -3.82
H22 PEG K . -6.10 62.39 -3.87
H31 PEG K . -8.22 60.75 -1.85
H32 PEG K . -9.41 61.22 -2.84
H41 PEG K . -9.38 63.16 -1.09
H42 PEG K . -10.33 61.91 -0.91
HO4 PEG K . -9.11 62.31 0.91
C1 PEG L . 6.96 20.39 -12.70
O1 PEG L . 7.25 21.49 -13.55
C2 PEG L . 8.18 19.49 -12.59
O2 PEG L . 9.32 20.24 -12.11
C3 PEG L . 9.19 20.71 -10.74
C4 PEG L . 8.87 19.56 -9.73
O4 PEG L . 7.46 19.50 -9.44
H11 PEG L . 6.19 19.87 -13.08
H12 PEG L . 6.72 20.74 -11.79
HO1 PEG L . 6.52 21.77 -13.90
H21 PEG L . 7.99 18.79 -12.00
H22 PEG L . 8.39 19.11 -13.48
H31 PEG L . 8.50 21.36 -10.70
H32 PEG L . 10.06 21.14 -10.46
H41 PEG L . 9.15 18.73 -10.12
H42 PEG L . 9.36 19.72 -8.92
HO4 PEG L . 7.35 19.01 -8.69
C1 PEG M . -7.82 19.76 18.63
O1 PEG M . -6.78 20.48 19.30
C2 PEG M . -7.21 18.82 17.55
O2 PEG M . -7.85 17.54 17.62
C3 PEG M . -8.53 17.13 16.41
C4 PEG M . -9.89 17.82 16.30
O4 PEG M . -10.71 17.14 15.37
H11 PEG M . -8.31 19.23 19.26
H12 PEG M . -8.42 20.39 18.20
HO1 PEG M . -7.16 21.01 19.94
H21 PEG M . -7.34 19.21 16.68
H22 PEG M . -6.22 18.72 17.72
H31 PEG M . -8.01 17.36 15.67
H32 PEG M . -8.66 16.16 16.41
H41 PEG M . -9.75 18.77 16.00
H42 PEG M . -10.32 17.82 17.20
HO4 PEG M . -11.50 17.49 15.38
C1 PEG N . -16.55 58.35 -12.10
O1 PEG N . -16.25 57.06 -11.57
C2 PEG N . -17.90 58.86 -11.53
O2 PEG N . -17.64 60.04 -10.76
C3 PEG N . -18.81 60.72 -10.29
C4 PEG N . -19.08 61.96 -11.14
O4 PEG N . -20.31 62.53 -10.71
H11 PEG N . -15.85 58.97 -11.86
H12 PEG N . -16.61 58.29 -13.07
HO1 PEG N . -15.47 56.77 -11.93
H21 PEG N . -18.50 59.06 -12.25
H22 PEG N . -18.30 58.15 -10.93
H31 PEG N . -19.55 60.14 -10.34
H32 PEG N . -18.67 60.99 -9.35
H41 PEG N . -18.34 62.62 -11.02
H42 PEG N . -19.15 61.70 -12.10
HO4 PEG N . -20.32 63.37 -10.92
NA NA O . 5.87 35.70 2.19
S SO4 P . 2.08 -40.88 0.03
O1 SO4 P . 2.89 -39.76 0.50
O2 SO4 P . 1.61 -41.65 1.18
O3 SO4 P . 2.90 -41.72 -0.86
O4 SO4 P . 0.91 -40.38 -0.71
S SO4 Q . 6.24 -52.80 3.82
O1 SO4 Q . 6.54 -51.48 4.37
O2 SO4 Q . 5.88 -53.72 4.91
O3 SO4 Q . 7.37 -53.33 3.03
O4 SO4 Q . 5.08 -52.69 2.95
NA NA R . 8.98 -60.71 -18.29
C1 GOL S . 31.95 -83.85 -0.32
O1 GOL S . 31.18 -83.46 0.82
C2 GOL S . 32.22 -85.35 -0.27
O2 GOL S . 33.56 -85.62 -0.69
C3 GOL S . 31.23 -86.06 -1.18
O3 GOL S . 31.51 -85.73 -2.55
H11 GOL S . 32.91 -83.31 -0.31
H2 GOL S . 32.06 -85.70 0.76
HO2 GOL S . 33.67 -85.37 -1.62
H31 GOL S . 30.21 -85.76 -0.94
H32 GOL S . 31.31 -87.14 -1.05
HO3 GOL S . 30.74 -85.95 -3.09
C1 GOL T . 4.35 -44.01 1.07
O1 GOL T . 4.60 -43.13 2.15
C2 GOL T . 3.09 -44.82 1.33
O2 GOL T . 2.15 -44.06 2.08
C3 GOL T . 3.43 -46.10 2.10
O3 GOL T . 2.62 -47.15 1.62
H11 GOL T . 5.19 -44.67 0.94
H12 GOL T . 4.22 -43.43 0.16
HO1 GOL T . 4.75 -43.65 2.97
H2 GOL T . 2.65 -45.09 0.38
HO2 GOL T . 2.55 -43.80 2.93
H31 GOL T . 3.24 -45.96 3.16
H32 GOL T . 4.48 -46.35 1.96
HO3 GOL T . 2.89 -47.99 2.06
#